data_6H24
#
_entry.id   6H24
#
_cell.length_a   32.380
_cell.length_b   77.770
_cell.length_c   47.680
_cell.angle_alpha   90.00
_cell.angle_beta   90.66
_cell.angle_gamma   90.00
#
_symmetry.space_group_name_H-M   'P 1 21 1'
#
loop_
_entity.id
_entity.type
_entity.pdbx_description
1 polymer 'Replication protein'
2 water water
#
_entity_poly.entity_id   1
_entity_poly.type   'polypeptide(L)'
_entity_poly.pdbx_seq_one_letter_code
;SDLIVKDNALMNASYNLALVEQRLILLAIIEARETGKGINANDPLTVHASSYINQFNVERHTAYQALKDACKDLFARQFS
YQEKRERGRINITSRWVSQIGYMDDTATVEIIFAPAVVPLITRLEEQFTQYDIEQ
;
_entity_poly.pdbx_strand_id   A,B
#
# COMPACT_ATOMS: atom_id res chain seq x y z
N SER A 1 -17.29 -17.96 3.61
CA SER A 1 -16.01 -18.18 2.93
C SER A 1 -15.19 -16.90 2.96
N ASP A 2 -13.88 -17.03 2.70
CA ASP A 2 -12.99 -15.88 2.81
C ASP A 2 -13.36 -14.78 1.81
N LEU A 3 -13.62 -15.14 0.55
CA LEU A 3 -13.86 -14.11 -0.45
C LEU A 3 -15.15 -13.35 -0.15
N ILE A 4 -16.17 -14.04 0.38
CA ILE A 4 -17.40 -13.36 0.75
C ILE A 4 -17.15 -12.38 1.89
N VAL A 5 -16.32 -12.76 2.86
CA VAL A 5 -16.06 -11.89 3.99
C VAL A 5 -15.32 -10.63 3.54
N LYS A 6 -14.29 -10.79 2.71
CA LYS A 6 -13.54 -9.62 2.24
C LYS A 6 -14.42 -8.72 1.37
N ASP A 7 -15.19 -9.33 0.46
CA ASP A 7 -16.11 -8.58 -0.38
C ASP A 7 -17.05 -7.75 0.48
N ASN A 8 -17.62 -8.36 1.52
CA ASN A 8 -18.52 -7.65 2.42
C ASN A 8 -17.81 -6.49 3.10
N ALA A 9 -16.61 -6.73 3.62
CA ALA A 9 -15.88 -5.67 4.32
C ALA A 9 -15.56 -4.52 3.38
N LEU A 10 -15.12 -4.83 2.16
CA LEU A 10 -14.78 -3.77 1.21
C LEU A 10 -16.02 -2.99 0.78
N MET A 11 -17.13 -3.67 0.52
CA MET A 11 -18.34 -2.97 0.11
C MET A 11 -18.87 -2.07 1.20
N ASN A 12 -18.84 -2.54 2.45
CA ASN A 12 -19.26 -1.69 3.56
C ASN A 12 -18.33 -0.48 3.68
N ALA A 13 -17.03 -0.69 3.51
CA ALA A 13 -16.10 0.43 3.56
C ALA A 13 -16.30 1.38 2.38
N SER A 14 -16.77 0.86 1.24
CA SER A 14 -16.93 1.69 0.05
C SER A 14 -17.92 2.84 0.27
N TYR A 15 -18.88 2.68 1.19
CA TYR A 15 -19.83 3.74 1.47
C TYR A 15 -19.16 5.00 2.01
N ASN A 16 -17.94 4.89 2.52
CA ASN A 16 -17.27 6.04 3.12
C ASN A 16 -16.58 6.91 2.08
N LEU A 17 -16.32 6.37 0.88
CA LEU A 17 -15.64 7.14 -0.14
C LEU A 17 -16.53 8.26 -0.65
N ALA A 18 -15.95 9.43 -0.85
CA ALA A 18 -16.65 10.50 -1.54
C ALA A 18 -16.89 10.14 -3.00
N LEU A 19 -17.85 10.82 -3.62
CA LEU A 19 -18.16 10.57 -5.02
C LEU A 19 -16.93 10.70 -5.90
N VAL A 20 -16.09 11.71 -5.65
CA VAL A 20 -14.93 11.91 -6.51
C VAL A 20 -13.96 10.73 -6.39
N GLU A 21 -13.87 10.13 -5.20
CA GLU A 21 -13.02 8.97 -5.02
C GLU A 21 -13.58 7.76 -5.76
N GLN A 22 -14.90 7.58 -5.72
CA GLN A 22 -15.53 6.53 -6.50
C GLN A 22 -15.27 6.72 -7.98
N ARG A 23 -15.35 7.96 -8.47
CA ARG A 23 -15.12 8.22 -9.88
C ARG A 23 -13.66 8.08 -10.24
N LEU A 24 -12.74 8.45 -9.34
CA LEU A 24 -11.33 8.18 -9.57
C LEU A 24 -11.10 6.70 -9.85
N ILE A 25 -11.69 5.84 -9.03
CA ILE A 25 -11.52 4.40 -9.20
C ILE A 25 -12.15 3.93 -10.51
N LEU A 26 -13.39 4.38 -10.77
CA LEU A 26 -14.06 3.99 -12.01
C LEU A 26 -13.24 4.42 -13.23
N LEU A 27 -12.69 5.64 -13.20
CA LEU A 27 -11.93 6.14 -14.33
C LEU A 27 -10.65 5.32 -14.53
N ALA A 28 -9.97 4.96 -13.44
CA ALA A 28 -8.77 4.13 -13.56
C ALA A 28 -9.11 2.82 -14.26
N ILE A 29 -10.25 2.23 -13.90
CA ILE A 29 -10.68 0.97 -14.52
C ILE A 29 -10.96 1.17 -16.01
N ILE A 30 -11.70 2.23 -16.34
CA ILE A 30 -12.07 2.49 -17.73
C ILE A 30 -10.84 2.78 -18.57
N GLU A 31 -9.97 3.67 -18.10
CA GLU A 31 -8.80 4.02 -18.88
CA GLU A 31 -8.80 4.02 -18.88
C GLU A 31 -7.85 2.83 -19.05
N ALA A 32 -7.77 1.96 -18.04
CA ALA A 32 -6.92 0.78 -18.17
C ALA A 32 -7.39 -0.09 -19.33
N ARG A 33 -8.68 -0.44 -19.32
CA ARG A 33 -9.26 -1.21 -20.40
C ARG A 33 -9.03 -0.52 -21.74
N GLU A 34 -9.27 0.80 -21.79
CA GLU A 34 -9.18 1.51 -23.07
C GLU A 34 -7.78 1.51 -23.64
N THR A 35 -6.75 1.55 -22.79
CA THR A 35 -5.36 1.59 -23.23
C THR A 35 -4.66 0.24 -23.16
N GLY A 36 -5.41 -0.85 -22.98
CA GLY A 36 -4.84 -2.17 -23.03
C GLY A 36 -3.96 -2.53 -21.85
N LYS A 37 -4.30 -2.05 -20.66
CA LYS A 37 -3.54 -2.32 -19.45
C LYS A 37 -4.38 -3.12 -18.47
N GLY A 38 -3.77 -4.15 -17.88
CA GLY A 38 -4.43 -4.87 -16.82
C GLY A 38 -4.29 -4.18 -15.48
N ILE A 39 -5.02 -4.69 -14.50
CA ILE A 39 -5.02 -4.13 -13.15
C ILE A 39 -4.39 -5.15 -12.21
N ASN A 40 -3.31 -4.75 -11.54
CA ASN A 40 -2.58 -5.63 -10.65
C ASN A 40 -1.95 -4.76 -9.56
N ALA A 41 -1.27 -5.42 -8.62
CA ALA A 41 -0.74 -4.73 -7.45
C ALA A 41 0.63 -4.08 -7.69
N ASN A 42 1.14 -4.12 -8.92
CA ASN A 42 2.45 -3.57 -9.23
C ASN A 42 2.42 -2.36 -10.17
N ASP A 43 1.50 -2.30 -11.12
CA ASP A 43 1.64 -1.36 -12.22
C ASP A 43 0.76 -0.14 -12.00
N PRO A 44 1.29 1.08 -12.13
CA PRO A 44 0.44 2.26 -11.97
C PRO A 44 -0.60 2.38 -13.07
N LEU A 45 -1.75 2.89 -12.67
CA LEU A 45 -2.85 3.17 -13.56
C LEU A 45 -2.99 4.69 -13.70
N THR A 46 -3.04 5.17 -14.93
CA THR A 46 -3.16 6.60 -15.18
C THR A 46 -4.63 7.01 -15.29
N VAL A 47 -4.93 8.18 -14.74
CA VAL A 47 -6.24 8.82 -14.91
C VAL A 47 -6.01 10.25 -15.39
N HIS A 48 -6.65 10.60 -16.50
CA HIS A 48 -6.58 11.93 -17.08
C HIS A 48 -7.75 12.78 -16.61
N ALA A 49 -7.48 14.02 -16.23
CA ALA A 49 -8.57 14.95 -15.96
C ALA A 49 -9.48 15.07 -17.18
N SER A 50 -8.92 14.96 -18.39
CA SER A 50 -9.73 15.02 -19.60
C SER A 50 -10.76 13.89 -19.64
N SER A 51 -10.39 12.70 -19.14
CA SER A 51 -11.34 11.60 -19.09
C SER A 51 -12.43 11.87 -18.06
N TYR A 52 -12.05 12.44 -16.91
CA TYR A 52 -13.02 12.83 -15.89
C TYR A 52 -14.04 13.79 -16.50
N ILE A 53 -13.55 14.77 -17.24
CA ILE A 53 -14.41 15.71 -17.93
C ILE A 53 -15.30 14.99 -18.94
N ASN A 54 -14.71 14.09 -19.74
CA ASN A 54 -15.48 13.43 -20.80
C ASN A 54 -16.49 12.45 -20.22
N GLN A 55 -16.17 11.80 -19.10
CA GLN A 55 -17.05 10.77 -18.57
C GLN A 55 -18.17 11.35 -17.73
N PHE A 56 -17.91 12.43 -16.97
CA PHE A 56 -18.87 12.90 -15.99
C PHE A 56 -19.31 14.35 -16.18
N ASN A 57 -18.82 15.02 -17.21
CA ASN A 57 -19.23 16.40 -17.48
C ASN A 57 -19.19 17.25 -16.22
N VAL A 58 -17.99 17.35 -15.67
CA VAL A 58 -17.76 18.06 -14.42
C VAL A 58 -17.15 19.40 -14.78
N GLU A 59 -17.23 20.36 -13.86
CA GLU A 59 -16.62 21.66 -14.09
C GLU A 59 -15.17 21.48 -14.47
N ARG A 60 -14.80 22.04 -15.63
CA ARG A 60 -13.52 21.69 -16.22
C ARG A 60 -12.34 22.23 -15.42
N HIS A 61 -12.44 23.46 -14.91
CA HIS A 61 -11.25 24.06 -14.30
C HIS A 61 -10.90 23.43 -12.96
N THR A 62 -11.85 22.75 -12.31
CA THR A 62 -11.58 22.13 -11.01
C THR A 62 -11.39 20.62 -11.11
N ALA A 63 -11.44 20.05 -12.31
CA ALA A 63 -11.46 18.60 -12.44
C ALA A 63 -10.14 17.99 -11.98
N TYR A 64 -9.02 18.55 -12.43
CA TYR A 64 -7.73 17.98 -12.04
C TYR A 64 -7.50 18.09 -10.53
N GLN A 65 -7.73 19.28 -9.96
CA GLN A 65 -7.54 19.43 -8.52
C GLN A 65 -8.43 18.46 -7.74
N ALA A 66 -9.67 18.26 -8.21
CA ALA A 66 -10.56 17.30 -7.57
C ALA A 66 -9.96 15.90 -7.56
N LEU A 67 -9.39 15.48 -8.69
CA LEU A 67 -8.75 14.18 -8.76
C LEU A 67 -7.52 14.12 -7.85
N LYS A 68 -6.71 15.18 -7.87
CA LYS A 68 -5.52 15.23 -7.01
C LYS A 68 -5.91 15.09 -5.55
N ASP A 69 -6.94 15.81 -5.12
CA ASP A 69 -7.41 15.73 -3.74
C ASP A 69 -8.05 14.38 -3.44
N ALA A 70 -8.76 13.80 -4.41
CA ALA A 70 -9.37 12.48 -4.20
C ALA A 70 -8.31 11.40 -4.00
N CYS A 71 -7.19 11.50 -4.72
CA CYS A 71 -6.08 10.56 -4.51
C CYS A 71 -5.61 10.57 -3.08
N LYS A 72 -5.40 11.77 -2.51
CA LYS A 72 -4.93 11.86 -1.14
C LYS A 72 -5.96 11.29 -0.17
N ASP A 73 -7.23 11.59 -0.38
CA ASP A 73 -8.27 11.10 0.53
C ASP A 73 -8.36 9.57 0.47
N LEU A 74 -8.29 9.01 -0.73
CA LEU A 74 -8.36 7.56 -0.88
C LEU A 74 -7.14 6.89 -0.27
N PHE A 75 -5.97 7.48 -0.46
CA PHE A 75 -4.71 6.97 0.09
C PHE A 75 -4.74 6.90 1.61
N ALA A 76 -5.54 7.75 2.26
CA ALA A 76 -5.60 7.75 3.72
C ALA A 76 -6.47 6.64 4.31
N ARG A 77 -7.26 5.96 3.49
CA ARG A 77 -8.25 5.02 3.99
C ARG A 77 -7.67 3.62 4.21
N GLN A 78 -8.38 2.84 5.03
CA GLN A 78 -8.02 1.46 5.33
C GLN A 78 -9.30 0.68 5.62
N PHE A 79 -9.22 -0.64 5.47
CA PHE A 79 -10.31 -1.53 5.86
C PHE A 79 -9.73 -2.82 6.43
N SER A 80 -10.54 -3.51 7.23
CA SER A 80 -10.09 -4.68 7.97
C SER A 80 -11.04 -5.86 7.74
N TYR A 81 -10.48 -7.07 7.83
CA TYR A 81 -11.23 -8.29 7.62
C TYR A 81 -10.35 -9.45 8.08
N GLN A 82 -10.90 -10.66 8.08
CA GLN A 82 -10.16 -11.84 8.50
C GLN A 82 -10.07 -12.81 7.33
N GLU A 83 -8.98 -13.59 7.34
CA GLU A 83 -8.71 -14.63 6.36
C GLU A 83 -8.21 -15.90 7.04
N LYS A 84 -8.42 -17.04 6.37
CA LYS A 84 -7.85 -18.30 6.81
C LYS A 84 -6.37 -18.38 6.43
N ARG A 85 -5.58 -18.93 7.34
CA ARG A 85 -4.21 -19.35 7.06
C ARG A 85 -4.10 -20.84 7.40
N GLU A 86 -2.97 -21.44 7.05
CA GLU A 86 -2.74 -22.84 7.42
C GLU A 86 -2.93 -23.02 8.93
N ARG A 87 -2.27 -22.18 9.73
CA ARG A 87 -2.19 -22.38 11.16
C ARG A 87 -3.28 -21.67 11.96
N GLY A 88 -4.24 -21.03 11.28
CA GLY A 88 -5.33 -20.37 11.99
C GLY A 88 -5.93 -19.27 11.11
N ARG A 89 -6.59 -18.33 11.79
CA ARG A 89 -7.19 -17.17 11.14
C ARG A 89 -6.34 -15.94 11.41
N ILE A 90 -6.19 -15.09 10.39
CA ILE A 90 -5.37 -13.88 10.50
C ILE A 90 -6.28 -12.66 10.42
N ASN A 91 -5.95 -11.64 11.20
CA ASN A 91 -6.67 -10.38 11.22
C ASN A 91 -5.93 -9.38 10.35
N ILE A 92 -6.50 -9.01 9.20
CA ILE A 92 -5.82 -8.20 8.20
C ILE A 92 -6.33 -6.77 8.21
N THR A 93 -5.42 -5.82 8.02
CA THR A 93 -5.77 -4.45 7.67
C THR A 93 -5.10 -4.09 6.35
N SER A 94 -5.87 -3.52 5.43
CA SER A 94 -5.40 -3.23 4.08
C SER A 94 -5.69 -1.79 3.71
N ARG A 95 -4.84 -1.24 2.84
CA ARG A 95 -5.15 -0.01 2.13
C ARG A 95 -6.04 -0.29 0.94
N TRP A 96 -6.63 0.79 0.39
CA TRP A 96 -7.24 0.73 -0.93
C TRP A 96 -6.18 0.82 -2.03
N VAL A 97 -5.23 1.75 -1.86
CA VAL A 97 -4.15 1.99 -2.81
C VAL A 97 -2.83 2.02 -2.05
N SER A 98 -1.78 1.47 -2.66
CA SER A 98 -0.46 1.47 -2.07
C SER A 98 0.36 2.69 -2.45
N GLN A 99 -0.04 3.40 -3.50
CA GLN A 99 0.77 4.45 -4.10
C GLN A 99 -0.15 5.37 -4.89
N ILE A 100 0.15 6.66 -4.84
CA ILE A 100 -0.55 7.66 -5.65
C ILE A 100 0.50 8.61 -6.24
N GLY A 101 0.09 9.33 -7.27
CA GLY A 101 0.98 10.30 -7.89
C GLY A 101 0.18 11.30 -8.69
N TYR A 102 0.76 12.47 -8.87
CA TYR A 102 0.12 13.49 -9.69
C TYR A 102 1.15 14.24 -10.51
N MET A 103 0.73 14.63 -11.72
CA MET A 103 1.53 15.41 -12.66
CA MET A 103 1.54 15.42 -12.65
C MET A 103 0.76 16.69 -12.98
N ASP A 104 1.17 17.81 -12.38
CA ASP A 104 0.46 19.07 -12.59
C ASP A 104 0.49 19.49 -14.05
N ASP A 105 1.60 19.28 -14.75
CA ASP A 105 1.76 19.84 -16.08
C ASP A 105 0.87 19.15 -17.12
N THR A 106 0.47 17.90 -16.88
CA THR A 106 -0.39 17.16 -17.80
C THR A 106 -1.77 16.87 -17.26
N ALA A 107 -2.10 17.34 -16.06
CA ALA A 107 -3.41 17.10 -15.45
C ALA A 107 -3.74 15.62 -15.43
N THR A 108 -2.81 14.81 -14.92
CA THR A 108 -2.98 13.38 -14.78
C THR A 108 -2.59 12.96 -13.37
N VAL A 109 -3.21 11.89 -12.90
CA VAL A 109 -2.85 11.25 -11.65
C VAL A 109 -2.57 9.77 -11.92
N GLU A 110 -1.98 9.10 -10.93
CA GLU A 110 -1.60 7.70 -11.03
C GLU A 110 -1.91 7.03 -9.72
N ILE A 111 -2.40 5.79 -9.77
CA ILE A 111 -2.65 5.03 -8.55
C ILE A 111 -2.23 3.57 -8.77
N ILE A 112 -1.86 2.90 -7.68
CA ILE A 112 -1.73 1.45 -7.67
C ILE A 112 -2.65 0.89 -6.61
N PHE A 113 -3.51 -0.05 -6.99
CA PHE A 113 -4.38 -0.69 -6.02
C PHE A 113 -3.60 -1.65 -5.14
N ALA A 114 -4.01 -1.71 -3.88
CA ALA A 114 -3.45 -2.67 -2.95
C ALA A 114 -3.84 -4.09 -3.34
N PRO A 115 -3.02 -5.08 -3.01
CA PRO A 115 -3.31 -6.44 -3.52
C PRO A 115 -4.61 -7.04 -3.03
N ALA A 116 -5.11 -6.67 -1.85
CA ALA A 116 -6.38 -7.22 -1.40
C ALA A 116 -7.54 -6.72 -2.24
N VAL A 117 -7.41 -5.54 -2.83
CA VAL A 117 -8.49 -4.92 -3.59
C VAL A 117 -8.52 -5.41 -5.03
N VAL A 118 -7.33 -5.72 -5.59
CA VAL A 118 -7.24 -6.08 -7.00
C VAL A 118 -8.30 -7.12 -7.42
N PRO A 119 -8.51 -8.22 -6.69
CA PRO A 119 -9.47 -9.24 -7.15
C PRO A 119 -10.91 -8.78 -7.07
N LEU A 120 -11.19 -7.69 -6.37
CA LEU A 120 -12.55 -7.18 -6.23
C LEU A 120 -12.79 -5.92 -7.08
N ILE A 121 -11.91 -5.62 -8.03
CA ILE A 121 -12.07 -4.40 -8.81
C ILE A 121 -13.36 -4.43 -9.62
N THR A 122 -13.74 -5.58 -10.16
CA THR A 122 -14.99 -5.63 -10.93
C THR A 122 -16.19 -5.41 -10.02
N ARG A 123 -16.11 -5.88 -8.77
CA ARG A 123 -17.18 -5.60 -7.82
C ARG A 123 -17.27 -4.11 -7.51
N LEU A 124 -16.11 -3.44 -7.40
CA LEU A 124 -16.13 -2.00 -7.19
C LEU A 124 -16.70 -1.27 -8.40
N GLU A 125 -16.35 -1.71 -9.62
CA GLU A 125 -16.94 -1.10 -10.80
C GLU A 125 -18.46 -1.18 -10.74
N GLU A 126 -18.99 -2.33 -10.31
CA GLU A 126 -20.44 -2.50 -10.17
C GLU A 126 -20.99 -1.58 -9.09
N GLN A 127 -20.31 -1.55 -7.93
CA GLN A 127 -20.75 -0.75 -6.80
C GLN A 127 -20.85 0.73 -7.15
N PHE A 128 -19.89 1.22 -7.92
CA PHE A 128 -19.74 2.63 -8.20
C PHE A 128 -20.42 3.12 -9.47
N THR A 129 -20.79 2.23 -10.39
CA THR A 129 -21.43 2.68 -11.61
C THR A 129 -22.81 3.24 -11.31
N GLN A 130 -23.08 4.43 -11.82
CA GLN A 130 -24.37 5.07 -11.68
C GLN A 130 -25.01 5.17 -13.07
N TYR A 131 -26.33 5.15 -13.09
CA TYR A 131 -27.07 5.15 -14.32
C TYR A 131 -27.95 6.39 -14.42
N LEU B 3 15.32 16.64 -8.92
CA LEU B 3 14.34 15.62 -8.60
C LEU B 3 14.61 14.94 -7.26
N ILE B 4 13.55 14.73 -6.49
CA ILE B 4 13.60 13.91 -5.28
C ILE B 4 13.70 12.46 -5.72
N VAL B 5 14.93 11.92 -5.79
CA VAL B 5 15.12 10.55 -6.26
C VAL B 5 14.60 9.57 -5.23
N LYS B 6 13.99 8.47 -5.70
CA LYS B 6 13.32 7.56 -4.77
C LYS B 6 14.28 6.96 -3.76
N ASP B 7 15.43 6.45 -4.20
CA ASP B 7 16.34 5.78 -3.28
C ASP B 7 16.71 6.70 -2.12
N ASN B 8 17.05 7.96 -2.44
CA ASN B 8 17.39 8.91 -1.38
C ASN B 8 16.21 9.13 -0.44
N ALA B 9 15.01 9.34 -0.99
CA ALA B 9 13.85 9.59 -0.16
C ALA B 9 13.55 8.40 0.75
N LEU B 10 13.60 7.18 0.20
CA LEU B 10 13.26 6.02 1.02
C LEU B 10 14.31 5.78 2.09
N MET B 11 15.58 5.85 1.73
CA MET B 11 16.62 5.60 2.72
C MET B 11 16.61 6.66 3.81
N ASN B 12 16.37 7.93 3.44
CA ASN B 12 16.22 8.96 4.46
C ASN B 12 14.98 8.70 5.31
N ALA B 13 13.89 8.26 4.70
CA ALA B 13 12.70 7.95 5.48
C ALA B 13 12.97 6.79 6.43
N SER B 14 13.87 5.87 6.06
CA SER B 14 14.15 4.73 6.93
C SER B 14 14.74 5.19 8.26
N TYR B 15 15.43 6.33 8.28
CA TYR B 15 16.00 6.84 9.51
C TYR B 15 14.93 7.17 10.54
N ASN B 16 13.69 7.41 10.09
CA ASN B 16 12.59 7.83 10.95
C ASN B 16 11.86 6.68 11.62
N LEU B 17 12.07 5.45 11.16
CA LEU B 17 11.42 4.29 11.74
C LEU B 17 11.91 4.04 13.16
N ALA B 18 11.01 3.60 14.04
CA ALA B 18 11.46 3.10 15.32
C ALA B 18 12.28 1.83 15.11
N LEU B 19 13.14 1.53 16.09
CA LEU B 19 14.01 0.35 15.96
C LEU B 19 13.17 -0.92 15.74
N VAL B 20 12.05 -1.05 16.45
CA VAL B 20 11.26 -2.27 16.30
C VAL B 20 10.71 -2.39 14.89
N GLU B 21 10.38 -1.26 14.24
CA GLU B 21 9.90 -1.32 12.86
C GLU B 21 11.01 -1.73 11.91
N GLN B 22 12.18 -1.15 12.10
CA GLN B 22 13.34 -1.55 11.32
CA GLN B 22 13.35 -1.53 11.33
C GLN B 22 13.61 -3.04 11.46
N ARG B 23 13.52 -3.56 12.68
CA ARG B 23 13.78 -4.98 12.91
C ARG B 23 12.66 -5.85 12.34
N LEU B 24 11.42 -5.38 12.41
CA LEU B 24 10.31 -6.09 11.77
C LEU B 24 10.62 -6.30 10.29
N ILE B 25 11.04 -5.24 9.61
CA ILE B 25 11.34 -5.33 8.19
C ILE B 25 12.49 -6.31 7.96
N LEU B 26 13.57 -6.17 8.73
CA LEU B 26 14.71 -7.06 8.56
C LEU B 26 14.31 -8.51 8.77
N LEU B 27 13.51 -8.80 9.80
CA LEU B 27 13.11 -10.17 10.07
C LEU B 27 12.26 -10.72 8.93
N ALA B 28 11.36 -9.91 8.38
CA ALA B 28 10.56 -10.34 7.24
C ALA B 28 11.45 -10.76 6.08
N ILE B 29 12.48 -9.96 5.80
CA ILE B 29 13.41 -10.26 4.72
C ILE B 29 14.16 -11.55 5.05
N ILE B 30 14.66 -11.67 6.28
CA ILE B 30 15.43 -12.84 6.69
C ILE B 30 14.61 -14.11 6.55
N GLU B 31 13.41 -14.13 7.16
CA GLU B 31 12.59 -15.33 7.14
C GLU B 31 12.16 -15.68 5.73
N ALA B 32 12.00 -14.69 4.86
CA ALA B 32 11.73 -14.95 3.45
C ALA B 32 12.88 -15.72 2.82
N ARG B 33 14.10 -15.18 2.93
CA ARG B 33 15.27 -15.87 2.40
C ARG B 33 15.37 -17.29 2.94
N GLU B 34 15.15 -17.46 4.25
CA GLU B 34 15.31 -18.76 4.88
C GLU B 34 14.29 -19.77 4.33
N ILE B 39 10.03 -12.09 -2.62
CA ILE B 39 9.53 -10.85 -2.05
C ILE B 39 8.94 -10.01 -3.17
N ASN B 40 7.64 -9.71 -3.06
CA ASN B 40 6.94 -8.98 -4.12
C ASN B 40 5.78 -8.21 -3.50
N ALA B 41 5.06 -7.48 -4.35
CA ALA B 41 4.00 -6.59 -3.88
C ALA B 41 2.68 -7.31 -3.67
N ASN B 42 2.62 -8.63 -3.84
CA ASN B 42 1.39 -9.40 -3.69
C ASN B 42 1.38 -10.31 -2.47
N ASP B 43 2.52 -10.88 -2.07
CA ASP B 43 2.50 -12.01 -1.15
C ASP B 43 2.89 -11.59 0.26
N PRO B 44 2.09 -11.95 1.28
CA PRO B 44 2.48 -11.61 2.65
C PRO B 44 3.73 -12.33 3.11
N LEU B 45 4.50 -11.65 3.95
CA LEU B 45 5.70 -12.18 4.58
C LEU B 45 5.45 -12.31 6.08
N THR B 46 5.75 -13.49 6.63
CA THR B 46 5.50 -13.80 8.02
C THR B 46 6.71 -13.44 8.88
N VAL B 47 6.44 -12.91 10.08
CA VAL B 47 7.45 -12.73 11.11
C VAL B 47 6.92 -13.35 12.38
N HIS B 48 7.69 -14.25 12.97
CA HIS B 48 7.33 -14.90 14.23
C HIS B 48 7.94 -14.10 15.36
N ALA B 49 7.15 -13.84 16.41
CA ALA B 49 7.73 -13.23 17.59
C ALA B 49 8.88 -14.07 18.15
N SER B 50 8.81 -15.40 18.02
CA SER B 50 9.93 -16.21 18.50
C SER B 50 11.23 -15.88 17.77
N SER B 51 11.16 -15.52 16.48
CA SER B 51 12.37 -15.13 15.76
C SER B 51 12.90 -13.80 16.29
N TYR B 52 11.98 -12.85 16.51
CA TYR B 52 12.35 -11.56 17.10
C TYR B 52 13.04 -11.74 18.43
N ILE B 53 12.47 -12.57 19.31
CA ILE B 53 13.07 -12.83 20.61
C ILE B 53 14.43 -13.48 20.46
N ASN B 54 14.54 -14.46 19.58
CA ASN B 54 15.79 -15.20 19.45
C ASN B 54 16.91 -14.36 18.88
N GLN B 55 16.57 -13.42 17.98
CA GLN B 55 17.60 -12.65 17.30
C GLN B 55 18.04 -11.42 18.11
N PHE B 56 17.13 -10.81 18.86
CA PHE B 56 17.38 -9.51 19.44
C PHE B 56 17.23 -9.53 20.95
N ASN B 57 17.88 -8.56 21.59
CA ASN B 57 17.93 -8.45 23.05
C ASN B 57 16.71 -7.72 23.60
N VAL B 58 15.54 -8.31 23.34
CA VAL B 58 14.27 -7.70 23.74
C VAL B 58 13.61 -8.50 24.85
N GLU B 59 12.78 -7.81 25.63
CA GLU B 59 12.00 -8.47 26.68
C GLU B 59 11.02 -9.45 26.04
N ARG B 60 11.12 -10.72 26.42
CA ARG B 60 10.34 -11.73 25.70
C ARG B 60 8.84 -11.58 25.97
N HIS B 61 8.46 -11.13 27.16
CA HIS B 61 7.04 -11.14 27.52
C HIS B 61 6.22 -10.11 26.75
N THR B 62 6.86 -9.04 26.27
CA THR B 62 6.18 -7.98 25.52
C THR B 62 6.53 -8.01 24.03
N ALA B 63 7.28 -9.01 23.57
CA ALA B 63 7.86 -8.96 22.23
C ALA B 63 6.80 -9.02 21.13
N TYR B 64 5.83 -9.92 21.25
CA TYR B 64 4.79 -10.02 20.23
C TYR B 64 3.97 -8.73 20.17
N GLN B 65 3.55 -8.22 21.32
CA GLN B 65 2.82 -6.95 21.34
C GLN B 65 3.64 -5.84 20.69
N ALA B 66 4.96 -5.82 20.94
CA ALA B 66 5.80 -4.82 20.31
C ALA B 66 5.74 -4.91 18.80
N LEU B 67 5.74 -6.14 18.28
CA LEU B 67 5.64 -6.33 16.83
C LEU B 67 4.28 -5.87 16.30
N LYS B 68 3.20 -6.20 17.02
CA LYS B 68 1.88 -5.74 16.58
C LYS B 68 1.84 -4.22 16.50
N ASP B 69 2.39 -3.55 17.51
CA ASP B 69 2.41 -2.09 17.51
C ASP B 69 3.30 -1.55 16.41
N ALA B 70 4.42 -2.23 16.14
CA ALA B 70 5.32 -1.81 15.07
C ALA B 70 4.65 -1.97 13.71
N CYS B 71 3.88 -3.04 13.53
CA CYS B 71 3.12 -3.21 12.30
C CYS B 71 2.18 -2.03 12.06
N LYS B 72 1.41 -1.66 13.09
CA LYS B 72 0.47 -0.55 12.93
C LYS B 72 1.20 0.75 12.63
N ASP B 73 2.31 1.02 13.33
CA ASP B 73 3.05 2.25 13.07
C ASP B 73 3.62 2.26 11.67
N LEU B 74 4.18 1.13 11.22
CA LEU B 74 4.77 1.10 9.88
C LEU B 74 3.68 1.31 8.83
N PHE B 75 2.51 0.71 9.03
CA PHE B 75 1.37 0.86 8.13
C PHE B 75 0.92 2.31 8.02
N ALA B 76 1.11 3.10 9.08
CA ALA B 76 0.65 4.49 9.10
C ALA B 76 1.59 5.43 8.36
N ARG B 77 2.79 4.98 8.02
CA ARG B 77 3.82 5.84 7.46
C ARG B 77 3.68 5.98 5.95
N GLN B 78 4.34 7.02 5.43
CA GLN B 78 4.40 7.27 4.01
C GLN B 78 5.71 7.97 3.69
N PHE B 79 6.11 7.89 2.41
CA PHE B 79 7.25 8.64 1.91
C PHE B 79 6.93 9.14 0.51
N SER B 80 7.62 10.18 0.07
CA SER B 80 7.34 10.82 -1.21
CA SER B 80 7.34 10.82 -1.21
C SER B 80 8.62 11.03 -2.00
N TYR B 81 8.46 11.06 -3.32
CA TYR B 81 9.59 11.22 -4.22
C TYR B 81 9.03 11.65 -5.58
N GLN B 82 9.93 11.87 -6.53
CA GLN B 82 9.58 12.34 -7.86
C GLN B 82 10.19 11.45 -8.93
N GLU B 83 9.55 11.44 -10.10
CA GLU B 83 10.10 10.77 -11.26
C GLU B 83 9.95 11.68 -12.45
N LYS B 84 10.88 11.59 -13.39
CA LYS B 84 10.73 12.27 -14.66
C LYS B 84 9.80 11.43 -15.53
N ARG B 85 8.86 12.10 -16.18
CA ARG B 85 7.99 11.50 -17.18
C ARG B 85 8.22 12.25 -18.49
N GLU B 86 7.61 11.75 -19.57
CA GLU B 86 7.77 12.37 -20.87
C GLU B 86 7.47 13.87 -20.83
N ARG B 87 6.29 14.23 -20.32
CA ARG B 87 5.81 15.61 -20.38
C ARG B 87 6.10 16.41 -19.12
N GLY B 88 6.81 15.86 -18.15
CA GLY B 88 7.12 16.61 -16.95
C GLY B 88 7.45 15.70 -15.78
N ARG B 89 7.32 16.27 -14.59
CA ARG B 89 7.65 15.60 -13.34
C ARG B 89 6.40 15.11 -12.62
N ILE B 90 6.47 13.92 -12.05
CA ILE B 90 5.39 13.36 -11.26
C ILE B 90 5.81 13.32 -9.80
N ASN B 91 4.88 13.69 -8.92
CA ASN B 91 5.05 13.65 -7.46
C ASN B 91 4.34 12.42 -6.93
N ILE B 92 5.11 11.46 -6.43
CA ILE B 92 4.59 10.17 -5.97
C ILE B 92 4.62 10.12 -4.45
N THR B 93 3.56 9.56 -3.86
CA THR B 93 3.54 9.21 -2.45
C THR B 93 3.29 7.72 -2.33
N SER B 94 4.09 7.04 -1.50
CA SER B 94 4.01 5.60 -1.33
C SER B 94 3.90 5.25 0.14
N ARG B 95 3.24 4.13 0.39
CA ARG B 95 3.31 3.45 1.66
C ARG B 95 4.59 2.62 1.74
N TRP B 96 4.92 2.21 2.97
CA TRP B 96 5.93 1.18 3.16
C TRP B 96 5.34 -0.21 2.93
N VAL B 97 4.15 -0.46 3.47
CA VAL B 97 3.45 -1.73 3.36
C VAL B 97 2.01 -1.43 2.95
N SER B 98 1.46 -2.28 2.07
CA SER B 98 0.08 -2.11 1.64
C SER B 98 -0.91 -2.84 2.54
N GLN B 99 -0.42 -3.76 3.37
CA GLN B 99 -1.26 -4.67 4.13
C GLN B 99 -0.46 -5.18 5.32
N ILE B 100 -1.15 -5.35 6.45
CA ILE B 100 -0.58 -5.95 7.65
C ILE B 100 -1.58 -6.99 8.17
N GLY B 101 -1.07 -7.86 9.04
CA GLY B 101 -1.93 -8.87 9.66
C GLY B 101 -1.28 -9.38 10.92
N TYR B 102 -2.12 -9.90 11.81
CA TYR B 102 -1.62 -10.54 13.02
C TYR B 102 -2.45 -11.76 13.37
N MET B 103 -1.79 -12.71 14.02
CA MET B 103 -2.43 -13.94 14.51
CA MET B 103 -2.44 -13.94 14.52
C MET B 103 -2.00 -14.12 15.98
N ASP B 104 -2.91 -13.78 16.92
CA ASP B 104 -2.55 -13.82 18.33
C ASP B 104 -2.19 -15.22 18.81
N ASP B 105 -2.91 -16.25 18.33
CA ASP B 105 -2.74 -17.57 18.92
C ASP B 105 -1.37 -18.16 18.63
N THR B 106 -0.73 -17.74 17.54
CA THR B 106 0.60 -18.21 17.18
C THR B 106 1.65 -17.12 17.31
N ALA B 107 1.30 -15.93 17.78
CA ALA B 107 2.25 -14.85 17.97
C ALA B 107 3.05 -14.57 16.70
N THR B 108 2.32 -14.35 15.60
CA THR B 108 2.92 -14.04 14.32
C THR B 108 2.28 -12.79 13.72
N VAL B 109 3.05 -12.06 12.92
CA VAL B 109 2.54 -10.94 12.16
C VAL B 109 2.91 -11.14 10.69
N GLU B 110 2.28 -10.32 9.84
CA GLU B 110 2.45 -10.39 8.40
C GLU B 110 2.51 -8.98 7.83
N ILE B 111 3.31 -8.81 6.78
CA ILE B 111 3.31 -7.57 6.02
C ILE B 111 3.40 -7.89 4.53
N ILE B 112 2.86 -7.00 3.71
CA ILE B 112 3.13 -6.97 2.28
C ILE B 112 3.79 -5.62 1.98
N PHE B 113 4.97 -5.65 1.38
CA PHE B 113 5.65 -4.42 1.02
C PHE B 113 4.95 -3.74 -0.15
N ALA B 114 4.92 -2.42 -0.11
CA ALA B 114 4.40 -1.64 -1.23
C ALA B 114 5.31 -1.79 -2.44
N PRO B 115 4.76 -1.66 -3.66
CA PRO B 115 5.60 -1.93 -4.84
C PRO B 115 6.79 -1.00 -5.01
N ALA B 116 6.73 0.24 -4.49
CA ALA B 116 7.88 1.14 -4.61
C ALA B 116 9.04 0.68 -3.74
N VAL B 117 8.75 -0.04 -2.65
CA VAL B 117 9.78 -0.48 -1.72
C VAL B 117 10.47 -1.76 -2.22
N VAL B 118 9.71 -2.64 -2.89
CA VAL B 118 10.24 -3.94 -3.28
C VAL B 118 11.61 -3.85 -3.94
N PRO B 119 11.85 -2.97 -4.91
CA PRO B 119 13.18 -2.96 -5.58
C PRO B 119 14.31 -2.45 -4.71
N LEU B 120 14.03 -1.86 -3.55
CA LEU B 120 15.07 -1.38 -2.65
C LEU B 120 15.23 -2.28 -1.42
N ILE B 121 14.63 -3.46 -1.43
CA ILE B 121 14.68 -4.33 -0.25
C ILE B 121 16.11 -4.74 0.07
N THR B 122 16.93 -5.00 -0.94
CA THR B 122 18.29 -5.42 -0.66
C THR B 122 19.07 -4.29 0.02
N ARG B 123 18.82 -3.04 -0.38
CA ARG B 123 19.48 -1.91 0.26
C ARG B 123 19.00 -1.73 1.70
N LEU B 124 17.71 -1.93 1.95
CA LEU B 124 17.20 -1.86 3.31
C LEU B 124 17.80 -2.97 4.17
N GLU B 125 17.87 -4.18 3.63
CA GLU B 125 18.47 -5.31 4.35
C GLU B 125 19.90 -4.98 4.78
N GLU B 126 20.68 -4.42 3.86
CA GLU B 126 22.07 -4.11 4.16
C GLU B 126 22.17 -3.02 5.21
N GLN B 127 21.39 -1.96 5.07
CA GLN B 127 21.42 -0.86 6.04
C GLN B 127 21.03 -1.35 7.43
N PHE B 128 19.98 -2.19 7.51
CA PHE B 128 19.49 -2.58 8.81
C PHE B 128 20.36 -3.66 9.43
N THR B 129 21.04 -4.45 8.60
CA THR B 129 21.99 -5.43 9.13
C THR B 129 23.20 -4.73 9.70
N GLN B 130 23.72 -3.76 8.96
CA GLN B 130 24.86 -2.98 9.43
C GLN B 130 24.54 -2.30 10.75
N TYR B 131 23.31 -1.80 10.90
CA TYR B 131 22.98 -1.07 12.12
C TYR B 131 22.98 -2.00 13.33
N ASP B 132 22.48 -3.22 13.16
CA ASP B 132 22.33 -4.17 14.26
C ASP B 132 23.37 -5.30 14.21
N ILE B 133 24.54 -5.04 13.63
CA ILE B 133 25.46 -6.14 13.39
C ILE B 133 25.95 -6.76 14.70
N GLU B 134 26.07 -5.96 15.76
CA GLU B 134 26.57 -6.49 17.02
C GLU B 134 25.67 -7.61 17.54
N GLN B 135 24.36 -7.52 17.31
CA GLN B 135 23.44 -8.57 17.72
C GLN B 135 23.24 -9.57 16.59
#